data_1EPL
#
_entry.id   1EPL
#
_cell.length_a   53.740
_cell.length_b   74.110
_cell.length_c   45.710
_cell.angle_alpha   90.00
_cell.angle_beta   109.76
_cell.angle_gamma   90.00
#
_symmetry.space_group_name_H-M   'P 1 21 1'
#
loop_
_entity.id
_entity.type
_entity.pdbx_description
1 polymer ENDOTHIAPEPSIN
2 polymer 'PS1, PRO-LEU-GLU-PSA-ARG-LEU'
3 water water
#
loop_
_entity_poly.entity_id
_entity_poly.type
_entity_poly.pdbx_seq_one_letter_code
_entity_poly.pdbx_strand_id
1 'polypeptide(L)'
;STGSATTTPIDSLDDAYITPVQIGTPAQTLNLDFDTGSSDLWVFSSETTASEVDGQTIYTPSKSTTAKLLSGATWSISYG
DGSSSSGDVYTDTVSVGGLTVTGQAVESAKKVSSSFTEDSTIDGLLGLAFSTLNTVSPTQQKTFFDNAKASLDSPVFTAD
LGYHAPGTYNFGFIDTTAYTGSITYTAVSTKQGFWEWTSTGYAVGSGTFKSTSIDGIADTGTTLLYLPATVVSAYWAQVS
GAKSSSSVGGYVFPCSATLPSFTFGVGSARIVIPGDYIDFGPISTGSSSCFGGIQSSAGIGINIFGDVALKAAFVVFNGA
TTPTLGFASK
;
E
2 'polypeptide(L)' PLE(PSA)RL I
#
# COMPACT_ATOMS: atom_id res chain seq x y z
N SER A 1 2.78 -21.04 -12.60
CA SER A 1 3.16 -19.64 -12.84
C SER A 1 3.39 -18.91 -11.53
N THR A 2 4.57 -18.35 -11.34
CA THR A 2 4.88 -17.44 -10.23
C THR A 2 5.48 -16.15 -10.74
N GLY A 3 5.72 -15.16 -9.90
CA GLY A 3 6.32 -13.85 -10.17
C GLY A 3 6.96 -13.25 -8.93
N SER A 4 8.23 -12.88 -8.94
CA SER A 4 8.84 -12.03 -7.90
C SER A 4 9.37 -10.74 -8.52
N ALA A 5 8.99 -9.65 -7.89
CA ALA A 5 9.61 -8.35 -8.23
C ALA A 5 10.14 -7.67 -6.98
N THR A 6 11.31 -7.07 -7.08
CA THR A 6 11.89 -6.21 -6.03
C THR A 6 11.15 -4.88 -5.95
N THR A 7 10.83 -4.48 -4.73
CA THR A 7 10.17 -3.19 -4.46
C THR A 7 11.06 -2.31 -3.60
N THR A 8 11.14 -1.03 -3.89
CA THR A 8 12.21 -0.12 -3.47
C THR A 8 11.65 1.14 -2.85
N PRO A 9 12.02 1.60 -1.66
CA PRO A 9 11.35 2.82 -1.16
C PRO A 9 11.67 4.01 -2.04
N ILE A 10 10.79 4.99 -2.17
CA ILE A 10 10.98 6.17 -3.04
C ILE A 10 11.84 7.23 -2.35
N ASP A 11 12.00 7.19 -1.04
CA ASP A 11 12.84 8.15 -0.33
C ASP A 11 13.29 7.59 1.01
N SER A 12 14.06 8.38 1.73
CA SER A 12 14.74 7.86 2.92
C SER A 12 13.76 7.73 4.08
N LEU A 13 12.55 8.19 3.84
CA LEU A 13 11.52 8.11 4.89
C LEU A 13 10.67 6.84 4.71
N ASP A 14 10.83 6.09 3.64
CA ASP A 14 9.90 5.03 3.20
C ASP A 14 8.49 5.57 3.10
N ASP A 15 8.23 6.71 2.48
CA ASP A 15 6.85 7.20 2.32
C ASP A 15 6.02 6.21 1.51
N ALA A 16 6.68 5.56 0.57
CA ALA A 16 6.09 4.63 -0.40
C ALA A 16 7.17 3.79 -1.07
N TYR A 17 6.69 2.75 -1.71
CA TYR A 17 7.53 1.73 -2.34
C TYR A 17 7.15 1.54 -3.80
N ILE A 18 8.08 1.58 -4.73
CA ILE A 18 7.82 1.36 -6.17
C ILE A 18 8.40 0.03 -6.63
N THR A 19 7.68 -0.55 -7.57
CA THR A 19 7.94 -1.87 -8.17
C THR A 19 7.95 -1.77 -9.69
N PRO A 20 8.93 -2.29 -10.41
CA PRO A 20 8.85 -2.12 -11.86
C PRO A 20 7.88 -3.12 -12.47
N VAL A 21 7.13 -2.61 -13.44
CA VAL A 21 6.13 -3.43 -14.12
C VAL A 21 6.22 -3.25 -15.62
N GLN A 22 6.08 -4.33 -16.37
CA GLN A 22 6.23 -4.25 -17.83
C GLN A 22 4.87 -4.13 -18.51
N ILE A 23 4.63 -3.06 -19.24
CA ILE A 23 3.33 -2.93 -19.92
C ILE A 23 3.51 -2.85 -21.42
N GLY A 24 2.90 -3.66 -22.26
CA GLY A 24 2.79 -3.30 -23.68
C GLY A 24 3.71 -4.17 -24.53
N THR A 25 3.60 -4.18 -25.83
CA THR A 25 4.59 -4.88 -26.66
C THR A 25 5.12 -3.98 -27.77
N PRO A 26 6.41 -3.77 -27.79
CA PRO A 26 7.29 -4.36 -26.76
C PRO A 26 7.11 -3.65 -25.43
N ALA A 27 7.69 -4.15 -24.36
CA ALA A 27 7.48 -3.67 -22.99
C ALA A 27 7.95 -2.23 -22.86
N GLN A 28 7.08 -1.42 -22.28
CA GLN A 28 7.36 -0.21 -21.51
C GLN A 28 7.30 -0.48 -20.01
N THR A 29 8.43 -0.23 -19.38
CA THR A 29 8.59 -0.48 -17.93
C THR A 29 8.28 0.78 -17.14
N LEU A 30 7.26 0.70 -16.30
CA LEU A 30 6.91 1.82 -15.43
C LEU A 30 7.02 1.40 -13.95
N ASN A 31 7.38 2.35 -13.10
CA ASN A 31 7.50 2.06 -11.66
C ASN A 31 6.18 2.30 -10.95
N LEU A 32 5.50 1.24 -10.55
CA LEU A 32 4.18 1.47 -9.95
C LEU A 32 4.23 1.24 -8.43
N ASP A 33 3.31 1.93 -7.78
CA ASP A 33 3.00 1.85 -6.35
C ASP A 33 1.91 0.80 -6.09
N PHE A 34 2.29 -0.39 -5.68
CA PHE A 34 1.42 -1.52 -5.36
C PHE A 34 0.51 -1.17 -4.19
N ASP A 35 -0.78 -1.26 -4.47
CA ASP A 35 -1.70 -0.62 -3.49
C ASP A 35 -2.76 -1.61 -3.04
N THR A 36 -2.63 -2.29 -1.91
CA THR A 36 -3.67 -3.27 -1.57
C THR A 36 -4.90 -2.59 -1.02
N GLY A 37 -5.01 -1.27 -1.07
CA GLY A 37 -6.21 -0.56 -0.61
C GLY A 37 -6.93 0.19 -1.72
N SER A 38 -6.58 -0.09 -2.97
CA SER A 38 -7.43 0.27 -4.12
C SER A 38 -7.41 -0.85 -5.15
N SER A 39 -8.15 -0.59 -6.23
CA SER A 39 -8.41 -1.72 -7.12
C SER A 39 -8.20 -1.32 -8.57
N ASP A 40 -7.57 -0.19 -8.84
CA ASP A 40 -7.36 0.34 -10.19
C ASP A 40 -5.89 0.26 -10.56
N LEU A 41 -5.59 -0.30 -11.72
CA LEU A 41 -4.26 -0.16 -12.33
C LEU A 41 -4.22 1.07 -13.23
N TRP A 42 -3.64 2.15 -12.73
CA TRP A 42 -3.64 3.38 -13.54
C TRP A 42 -2.23 3.92 -13.74
N VAL A 43 -1.96 4.51 -14.89
CA VAL A 43 -0.60 4.91 -15.23
C VAL A 43 -0.58 6.32 -15.82
N PHE A 44 0.49 7.07 -15.59
CA PHE A 44 0.75 8.27 -16.40
C PHE A 44 0.96 7.89 -17.86
N SER A 45 0.56 8.73 -18.80
CA SER A 45 0.39 8.25 -20.18
C SER A 45 0.54 9.38 -21.18
N SER A 46 0.60 9.04 -22.45
CA SER A 46 0.60 9.95 -23.60
C SER A 46 -0.68 10.76 -23.64
N GLU A 47 -1.71 10.46 -22.89
CA GLU A 47 -2.92 11.29 -22.88
C GLU A 47 -2.92 12.23 -21.68
N THR A 48 -2.10 11.97 -20.68
CA THR A 48 -2.02 12.84 -19.50
C THR A 48 -1.72 14.27 -19.89
N THR A 49 -2.50 15.21 -19.37
CA THR A 49 -2.27 16.65 -19.53
C THR A 49 -0.85 17.01 -19.15
N ALA A 50 -0.18 17.68 -20.08
CA ALA A 50 1.26 17.88 -20.19
C ALA A 50 1.78 18.80 -19.10
N SER A 51 0.87 19.60 -18.56
CA SER A 51 1.21 20.49 -17.44
C SER A 51 1.11 19.75 -16.12
N GLU A 52 0.69 18.50 -16.22
CA GLU A 52 0.45 17.61 -15.08
C GLU A 52 1.42 16.45 -15.09
N VAL A 53 2.31 16.42 -16.06
CA VAL A 53 3.42 15.48 -15.88
C VAL A 53 4.75 16.23 -15.81
N ASP A 54 5.55 15.62 -14.97
CA ASP A 54 6.85 16.12 -14.52
C ASP A 54 7.98 15.38 -15.23
N GLY A 55 8.58 14.53 -14.43
CA GLY A 55 9.58 13.57 -14.94
C GLY A 55 9.15 12.16 -14.58
N GLN A 56 7.84 11.94 -14.58
CA GLN A 56 7.27 10.59 -14.61
C GLN A 56 7.55 9.91 -15.93
N THR A 57 7.68 8.60 -15.87
CA THR A 57 7.68 7.83 -17.12
C THR A 57 6.27 7.57 -17.62
N ILE A 58 6.05 7.90 -18.88
CA ILE A 58 4.69 7.71 -19.39
C ILE A 58 4.57 6.45 -20.24
N TYR A 59 3.38 5.90 -20.15
CA TYR A 59 2.91 4.78 -20.98
C TYR A 59 2.34 5.30 -22.29
N THR A 60 2.91 4.92 -23.41
CA THR A 60 2.41 5.42 -24.71
C THR A 60 1.61 4.35 -25.42
N PRO A 61 0.28 4.35 -25.33
CA PRO A 61 -0.37 3.12 -25.81
C PRO A 61 -0.23 2.97 -27.32
N SER A 62 0.09 4.03 -28.05
CA SER A 62 0.17 3.93 -29.51
C SER A 62 1.45 3.23 -29.93
N LYS A 63 2.42 2.99 -29.07
CA LYS A 63 3.66 2.25 -29.34
C LYS A 63 3.52 0.80 -28.90
N SER A 64 2.43 0.38 -28.30
CA SER A 64 2.19 -1.04 -28.00
C SER A 64 1.32 -1.67 -29.07
N THR A 65 1.71 -2.84 -29.54
CA THR A 65 0.97 -3.59 -30.55
C THR A 65 -0.07 -4.50 -29.90
N THR A 66 0.06 -4.58 -28.59
CA THR A 66 -0.96 -5.33 -27.83
C THR A 66 -2.02 -4.40 -27.29
N ALA A 67 -1.92 -3.09 -27.47
CA ALA A 67 -2.77 -2.11 -26.78
C ALA A 67 -4.05 -1.87 -27.55
N LYS A 68 -5.18 -1.85 -26.86
CA LYS A 68 -6.46 -1.63 -27.56
C LYS A 68 -7.37 -0.74 -26.73
N LEU A 69 -7.96 0.26 -27.38
CA LEU A 69 -8.92 1.11 -26.66
C LEU A 69 -10.13 0.30 -26.19
N LEU A 70 -10.49 0.45 -24.93
CA LEU A 70 -11.77 -0.06 -24.41
C LEU A 70 -12.87 0.99 -24.54
N SER A 71 -13.54 0.99 -25.69
CA SER A 71 -14.31 2.13 -26.19
C SER A 71 -15.47 2.44 -25.26
N GLY A 72 -15.70 3.73 -25.03
CA GLY A 72 -16.67 4.17 -24.02
C GLY A 72 -16.15 4.01 -22.61
N ALA A 73 -15.12 3.22 -22.32
CA ALA A 73 -14.85 2.90 -20.91
C ALA A 73 -14.06 4.02 -20.25
N THR A 74 -14.17 4.18 -18.95
CA THR A 74 -13.88 5.49 -18.34
C THR A 74 -13.58 5.32 -16.85
N TRP A 75 -12.65 6.01 -16.21
CA TRP A 75 -12.46 5.84 -14.76
C TRP A 75 -12.29 7.18 -14.08
N SER A 76 -12.55 7.14 -12.79
CA SER A 76 -12.38 8.23 -11.84
C SER A 76 -12.04 7.70 -10.45
N ILE A 77 -10.91 8.05 -9.87
CA ILE A 77 -10.69 7.54 -8.50
C ILE A 77 -10.31 8.67 -7.55
N SER A 78 -10.59 8.53 -6.27
CA SER A 78 -10.31 9.49 -5.19
C SER A 78 -9.66 8.81 -4.01
N TYR A 79 -8.66 9.42 -3.32
CA TYR A 79 -8.05 8.69 -2.20
C TYR A 79 -8.27 9.43 -0.90
N GLY A 80 -7.96 8.70 0.16
CA GLY A 80 -8.06 9.20 1.54
C GLY A 80 -7.15 10.41 1.69
N ASP A 81 -6.18 10.38 0.77
CA ASP A 81 -5.18 11.44 0.53
C ASP A 81 -5.86 12.75 0.20
N GLY A 82 -6.87 12.58 -0.63
CA GLY A 82 -7.61 13.67 -1.26
C GLY A 82 -7.09 13.72 -2.70
N SER A 83 -6.17 12.79 -2.95
CA SER A 83 -5.54 12.56 -4.26
C SER A 83 -6.63 12.19 -5.27
N SER A 84 -6.44 12.56 -6.52
CA SER A 84 -7.42 12.22 -7.58
C SER A 84 -6.71 11.87 -8.90
N SER A 85 -7.42 11.12 -9.68
CA SER A 85 -6.95 10.70 -11.01
C SER A 85 -8.13 10.25 -11.87
N SER A 86 -8.06 10.48 -13.16
CA SER A 86 -9.15 9.98 -14.02
C SER A 86 -8.67 9.82 -15.45
N GLY A 87 -9.40 9.03 -16.22
CA GLY A 87 -9.28 9.07 -17.69
C GLY A 87 -9.99 7.96 -18.44
N ASP A 88 -9.33 7.46 -19.48
CA ASP A 88 -9.89 6.36 -20.28
C ASP A 88 -9.01 5.13 -20.20
N VAL A 89 -9.36 4.09 -20.93
CA VAL A 89 -8.94 2.73 -20.55
C VAL A 89 -8.58 1.92 -21.78
N TYR A 90 -7.45 1.25 -21.60
CA TYR A 90 -6.89 0.29 -22.57
C TYR A 90 -6.85 -1.11 -21.97
N THR A 91 -6.89 -2.11 -22.84
CA THR A 91 -6.32 -3.42 -22.47
C THR A 91 -5.00 -3.64 -23.17
N ASP A 92 -4.16 -4.35 -22.44
CA ASP A 92 -2.76 -4.58 -22.81
C ASP A 92 -2.16 -5.69 -21.96
N THR A 93 -1.01 -6.17 -22.39
CA THR A 93 -0.30 -7.25 -21.69
C THR A 93 0.55 -6.67 -20.57
N VAL A 94 0.33 -7.10 -19.34
CA VAL A 94 1.12 -6.55 -18.23
C VAL A 94 1.92 -7.66 -17.55
N SER A 95 3.18 -7.37 -17.27
CA SER A 95 4.09 -8.37 -16.68
C SER A 95 4.66 -7.84 -15.37
N VAL A 96 4.61 -8.63 -14.31
CA VAL A 96 5.27 -8.29 -13.03
C VAL A 96 6.18 -9.42 -12.57
N GLY A 97 7.47 -9.25 -12.81
CA GLY A 97 8.41 -10.19 -12.18
C GLY A 97 8.45 -11.47 -12.99
N GLY A 98 8.03 -11.41 -14.24
CA GLY A 98 7.97 -12.57 -15.14
C GLY A 98 6.60 -13.24 -15.17
N LEU A 99 5.66 -12.82 -14.33
CA LEU A 99 4.27 -13.30 -14.37
C LEU A 99 3.44 -12.47 -15.36
N THR A 100 2.93 -13.10 -16.41
CA THR A 100 2.33 -12.27 -17.45
C THR A 100 0.83 -12.38 -17.45
N VAL A 101 0.23 -11.22 -17.63
CA VAL A 101 -1.24 -11.27 -17.78
C VAL A 101 -1.69 -10.48 -18.99
N THR A 102 -2.44 -11.17 -19.83
CA THR A 102 -2.88 -10.51 -21.07
C THR A 102 -4.33 -10.04 -20.95
N GLY A 103 -4.63 -8.97 -21.66
CA GLY A 103 -5.93 -8.30 -21.55
C GLY A 103 -6.15 -7.76 -20.15
N GLN A 104 -5.10 -7.23 -19.55
CA GLN A 104 -5.29 -6.44 -18.32
C GLN A 104 -5.80 -5.05 -18.66
N ALA A 105 -6.84 -4.57 -18.01
CA ALA A 105 -7.23 -3.16 -17.97
C ALA A 105 -6.09 -2.30 -17.44
N VAL A 106 -5.56 -1.47 -18.30
CA VAL A 106 -4.61 -0.39 -17.96
C VAL A 106 -5.24 0.97 -18.18
N GLU A 107 -5.50 1.59 -17.04
CA GLU A 107 -6.31 2.82 -17.03
C GLU A 107 -5.41 4.05 -17.17
N SER A 108 -5.65 4.73 -18.27
CA SER A 108 -4.72 5.74 -18.78
C SER A 108 -5.14 7.14 -18.33
N ALA A 109 -4.31 7.75 -17.50
CA ALA A 109 -4.57 9.04 -16.87
C ALA A 109 -4.71 10.14 -17.92
N LYS A 110 -5.85 10.79 -17.97
CA LYS A 110 -5.93 12.06 -18.71
C LYS A 110 -5.67 13.24 -17.78
N LYS A 111 -6.20 13.01 -16.59
CA LYS A 111 -6.06 14.01 -15.53
C LYS A 111 -5.51 13.37 -14.27
N VAL A 112 -4.95 13.96 -13.44
CA VAL A 112 -4.05 13.67 -12.31
C VAL A 112 -3.94 14.93 -11.44
N SER A 113 -4.09 14.73 -10.13
CA SER A 113 -4.05 15.84 -9.15
C SER A 113 -2.58 16.23 -8.87
N SER A 114 -2.45 17.43 -8.31
CA SER A 114 -1.14 18.04 -8.02
C SER A 114 -0.23 17.13 -7.19
N SER A 115 -0.80 16.44 -6.23
CA SER A 115 -0.02 15.55 -5.33
C SER A 115 0.73 14.46 -6.14
N PHE A 116 0.12 14.03 -7.24
CA PHE A 116 0.73 13.00 -8.09
C PHE A 116 1.77 13.60 -9.02
N THR A 117 1.46 14.77 -9.53
CA THR A 117 2.36 15.46 -10.45
C THR A 117 3.68 15.81 -9.77
N GLU A 118 3.61 16.19 -8.50
CA GLU A 118 4.84 16.59 -7.78
C GLU A 118 5.65 15.35 -7.33
N ASP A 119 5.06 14.16 -7.45
CA ASP A 119 5.77 12.89 -7.11
C ASP A 119 6.31 12.24 -8.38
N SER A 120 7.55 12.58 -8.66
CA SER A 120 8.26 12.17 -9.89
C SER A 120 8.67 10.68 -9.88
N THR A 121 8.69 10.05 -8.73
CA THR A 121 9.16 8.65 -8.66
C THR A 121 8.04 7.61 -8.87
N ILE A 122 6.81 8.06 -8.83
CA ILE A 122 5.67 7.14 -9.00
C ILE A 122 4.96 7.41 -10.32
N ASP A 123 4.94 6.33 -11.14
CA ASP A 123 4.43 6.44 -12.51
C ASP A 123 2.96 6.03 -12.57
N GLY A 124 2.40 5.58 -11.46
CA GLY A 124 1.01 5.11 -11.43
C GLY A 124 0.85 4.11 -10.30
N LEU A 125 -0.36 3.61 -10.14
CA LEU A 125 -0.69 2.66 -9.07
C LEU A 125 -1.05 1.29 -9.65
N LEU A 126 -0.74 0.20 -8.99
CA LEU A 126 -1.31 -1.13 -9.24
C LEU A 126 -2.15 -1.60 -8.04
N GLY A 127 -3.46 -1.56 -8.17
CA GLY A 127 -4.40 -1.86 -7.08
C GLY A 127 -4.49 -3.36 -6.87
N LEU A 128 -4.49 -3.77 -5.61
CA LEU A 128 -4.54 -5.20 -5.27
C LEU A 128 -5.55 -5.45 -4.14
N ALA A 129 -6.48 -4.53 -3.98
CA ALA A 129 -7.69 -4.86 -3.21
C ALA A 129 -8.65 -5.71 -4.02
N PHE A 130 -9.85 -5.90 -3.52
CA PHE A 130 -10.85 -6.75 -4.18
C PHE A 130 -11.53 -5.98 -5.30
N SER A 131 -11.94 -6.67 -6.36
CA SER A 131 -12.25 -6.03 -7.66
C SER A 131 -13.51 -5.18 -7.54
N THR A 132 -14.33 -5.42 -6.54
CA THR A 132 -15.57 -4.64 -6.36
C THR A 132 -15.25 -3.16 -6.22
N LEU A 133 -14.01 -2.84 -5.96
CA LEU A 133 -13.65 -1.44 -5.71
C LEU A 133 -13.23 -0.75 -7.00
N ASN A 134 -13.04 -1.54 -8.05
CA ASN A 134 -12.60 -0.99 -9.33
C ASN A 134 -13.61 0.05 -9.80
N THR A 135 -13.03 1.07 -10.38
CA THR A 135 -13.70 2.33 -10.69
C THR A 135 -14.15 2.51 -12.15
N VAL A 136 -13.72 1.63 -13.03
CA VAL A 136 -14.02 1.74 -14.46
C VAL A 136 -15.52 1.57 -14.77
N SER A 137 -15.99 2.45 -15.64
CA SER A 137 -17.38 2.51 -16.09
C SER A 137 -17.42 2.42 -17.61
N PRO A 138 -18.55 2.10 -18.24
CA PRO A 138 -19.69 1.47 -17.56
C PRO A 138 -19.46 0.03 -17.12
N THR A 139 -18.41 -0.60 -17.63
CA THR A 139 -18.08 -2.01 -17.31
C THR A 139 -16.88 -2.09 -16.36
N GLN A 140 -17.16 -2.53 -15.14
CA GLN A 140 -16.16 -2.69 -14.07
C GLN A 140 -15.12 -3.74 -14.51
N GLN A 141 -13.86 -3.47 -14.18
CA GLN A 141 -12.74 -4.37 -14.55
C GLN A 141 -12.21 -5.12 -13.33
N LYS A 142 -11.38 -6.11 -13.60
CA LYS A 142 -10.75 -6.95 -12.56
C LYS A 142 -9.31 -6.50 -12.33
N THR A 143 -8.78 -6.76 -11.16
CA THR A 143 -7.39 -6.39 -10.82
C THR A 143 -6.42 -7.40 -11.44
N PHE A 144 -5.18 -6.99 -11.44
CA PHE A 144 -4.06 -7.80 -11.93
C PHE A 144 -4.04 -9.15 -11.21
N PHE A 145 -4.17 -9.08 -9.88
CA PHE A 145 -4.15 -10.28 -9.04
C PHE A 145 -5.27 -11.24 -9.44
N ASP A 146 -6.42 -10.71 -9.71
CA ASP A 146 -7.62 -11.49 -10.06
C ASP A 146 -7.46 -12.17 -11.41
N ASN A 147 -6.88 -11.47 -12.37
CA ASN A 147 -6.51 -11.95 -13.70
C ASN A 147 -5.40 -12.98 -13.61
N ALA A 148 -4.58 -13.03 -12.58
CA ALA A 148 -3.43 -13.94 -12.51
C ALA A 148 -3.80 -15.22 -11.79
N LYS A 149 -4.79 -15.22 -10.92
CA LYS A 149 -5.14 -16.10 -9.80
C LYS A 149 -5.04 -17.56 -10.21
N ALA A 150 -5.66 -17.74 -11.36
CA ALA A 150 -6.04 -19.01 -11.97
C ALA A 150 -4.82 -19.72 -12.55
N SER A 151 -3.99 -18.92 -13.20
CA SER A 151 -2.64 -19.18 -13.68
C SER A 151 -1.69 -19.44 -12.53
N LEU A 152 -1.94 -18.94 -11.33
CA LEU A 152 -0.94 -19.02 -10.25
C LEU A 152 -0.85 -20.44 -9.69
N ASP A 153 0.33 -20.79 -9.23
CA ASP A 153 0.53 -22.01 -8.45
C ASP A 153 -0.34 -22.00 -7.20
N SER A 154 -0.30 -20.97 -6.38
CA SER A 154 -1.28 -20.69 -5.31
C SER A 154 -1.91 -19.32 -5.50
N PRO A 155 -3.18 -19.16 -5.17
CA PRO A 155 -3.79 -17.85 -5.45
C PRO A 155 -3.51 -16.87 -4.33
N VAL A 156 -2.25 -16.47 -4.27
CA VAL A 156 -1.62 -15.79 -3.14
C VAL A 156 -0.54 -14.82 -3.61
N PHE A 157 -0.47 -13.65 -3.02
CA PHE A 157 0.80 -12.92 -3.05
C PHE A 157 1.27 -12.58 -1.65
N THR A 158 2.57 -12.40 -1.54
CA THR A 158 3.18 -11.94 -0.27
C THR A 158 3.74 -10.53 -0.44
N ALA A 159 3.75 -9.77 0.62
CA ALA A 159 4.48 -8.50 0.77
C ALA A 159 5.51 -8.60 1.88
N ASP A 160 6.69 -8.19 1.46
CA ASP A 160 7.88 -8.20 2.33
C ASP A 160 8.61 -6.87 2.25
N LEU A 161 8.05 -5.81 2.81
CA LEU A 161 8.53 -4.44 2.69
C LEU A 161 9.76 -4.22 3.58
N GLY A 162 10.75 -3.47 3.11
CA GLY A 162 12.00 -3.25 3.85
C GLY A 162 11.90 -1.99 4.68
N TYR A 163 12.56 -1.94 5.83
CA TYR A 163 12.82 -0.69 6.55
C TYR A 163 14.10 -0.05 6.06
N HIS A 164 13.94 1.08 5.40
CA HIS A 164 15.00 1.85 4.73
C HIS A 164 15.71 1.00 3.69
N ALA A 165 15.08 0.12 2.98
CA ALA A 165 15.78 -0.90 2.18
C ALA A 165 14.78 -1.59 1.25
N PRO A 166 15.22 -2.11 0.09
CA PRO A 166 14.32 -2.86 -0.78
C PRO A 166 13.71 -4.09 -0.10
N GLY A 167 12.65 -4.55 -0.76
CA GLY A 167 11.85 -5.71 -0.35
C GLY A 167 11.38 -6.46 -1.60
N THR A 168 10.41 -7.32 -1.37
CA THR A 168 9.90 -8.22 -2.40
C THR A 168 8.39 -8.43 -2.32
N TYR A 169 7.85 -8.56 -3.52
CA TYR A 169 6.47 -9.00 -3.76
C TYR A 169 6.54 -10.25 -4.60
N ASN A 170 5.99 -11.31 -4.05
CA ASN A 170 5.94 -12.61 -4.71
C ASN A 170 4.48 -12.95 -5.03
N PHE A 171 4.30 -13.66 -6.11
CA PHE A 171 2.96 -14.06 -6.55
C PHE A 171 2.92 -15.54 -6.90
N GLY A 172 2.03 -16.24 -6.25
CA GLY A 172 1.80 -17.66 -6.51
C GLY A 172 2.60 -18.57 -5.58
N PHE A 173 3.28 -18.02 -4.59
CA PHE A 173 4.04 -18.88 -3.65
C PHE A 173 4.51 -18.10 -2.42
N ILE A 174 4.83 -18.87 -1.39
CA ILE A 174 5.33 -18.32 -0.11
C ILE A 174 6.77 -18.77 0.13
N ASP A 175 7.70 -17.86 0.05
CA ASP A 175 9.12 -18.01 0.40
C ASP A 175 9.28 -18.31 1.88
N THR A 176 9.34 -19.59 2.19
CA THR A 176 9.48 -20.05 3.58
C THR A 176 10.80 -19.60 4.17
N THR A 177 11.64 -19.05 3.31
CA THR A 177 13.00 -18.53 3.53
C THR A 177 12.94 -17.15 4.18
N ALA A 178 11.84 -16.45 3.99
CA ALA A 178 11.76 -14.98 4.13
C ALA A 178 11.27 -14.59 5.51
N TYR A 179 10.67 -15.47 6.28
CA TYR A 179 10.19 -15.13 7.63
C TYR A 179 10.76 -16.09 8.66
N THR A 180 10.52 -15.72 9.90
CA THR A 180 10.94 -16.49 11.08
C THR A 180 9.74 -17.13 11.76
N GLY A 181 9.92 -18.33 12.28
CA GLY A 181 8.85 -19.05 13.00
C GLY A 181 7.69 -19.41 12.09
N SER A 182 6.49 -19.17 12.56
CA SER A 182 5.20 -19.59 11.99
C SER A 182 4.47 -18.42 11.36
N ILE A 183 3.74 -18.68 10.29
CA ILE A 183 2.75 -17.71 9.80
C ILE A 183 1.43 -17.85 10.55
N THR A 184 0.92 -16.75 11.07
CA THR A 184 -0.40 -16.80 11.72
C THR A 184 -1.47 -16.18 10.84
N TYR A 185 -2.42 -17.01 10.43
CA TYR A 185 -3.43 -16.52 9.49
C TYR A 185 -4.67 -16.04 10.23
N THR A 186 -5.29 -15.02 9.67
CA THR A 186 -6.47 -14.48 10.36
C THR A 186 -7.55 -14.09 9.36
N ALA A 187 -8.80 -14.08 9.79
CA ALA A 187 -9.95 -13.99 8.89
C ALA A 187 -10.00 -12.64 8.21
N VAL A 188 -10.35 -12.64 6.93
CA VAL A 188 -10.55 -11.39 6.19
C VAL A 188 -12.01 -11.21 5.81
N SER A 189 -12.56 -10.05 6.09
CA SER A 189 -13.87 -9.58 5.65
C SER A 189 -13.77 -8.82 4.34
N THR A 190 -14.53 -9.24 3.36
CA THR A 190 -14.38 -8.66 2.02
C THR A 190 -15.44 -7.60 1.77
N LYS A 191 -16.30 -7.41 2.75
CA LYS A 191 -17.59 -6.78 2.49
C LYS A 191 -17.40 -5.35 2.01
N GLN A 192 -16.35 -4.69 2.44
CA GLN A 192 -16.13 -3.31 1.97
C GLN A 192 -15.16 -3.29 0.80
N GLY A 193 -14.58 -4.43 0.52
CA GLY A 193 -13.68 -4.60 -0.63
C GLY A 193 -12.22 -4.40 -0.24
N PHE A 194 -11.95 -4.31 1.05
CA PHE A 194 -10.60 -4.22 1.62
C PHE A 194 -10.14 -5.59 2.13
N TRP A 195 -8.83 -5.75 2.21
CA TRP A 195 -8.15 -6.70 3.09
C TRP A 195 -8.38 -6.32 4.56
N GLU A 196 -9.64 -6.43 4.92
CA GLU A 196 -10.07 -5.97 6.25
C GLU A 196 -9.97 -7.10 7.27
N TRP A 197 -9.31 -6.88 8.39
CA TRP A 197 -9.21 -7.94 9.40
C TRP A 197 -9.34 -7.37 10.80
N THR A 198 -9.15 -8.22 11.80
CA THR A 198 -9.42 -7.72 13.15
C THR A 198 -8.27 -8.05 14.08
N SER A 199 -7.50 -7.09 14.55
CA SER A 199 -6.34 -7.30 15.43
C SER A 199 -6.78 -7.62 16.84
N THR A 200 -6.01 -8.37 17.62
CA THR A 200 -6.54 -8.86 18.90
C THR A 200 -6.04 -8.00 20.06
N GLY A 201 -5.27 -6.96 19.80
CA GLY A 201 -4.94 -6.03 20.89
C GLY A 201 -3.61 -5.34 20.65
N TYR A 202 -3.03 -4.73 21.67
CA TYR A 202 -1.78 -3.98 21.48
C TYR A 202 -1.02 -3.87 22.80
N ALA A 203 0.28 -3.64 22.71
CA ALA A 203 1.17 -3.24 23.81
C ALA A 203 1.99 -2.02 23.42
N VAL A 204 2.36 -1.19 24.37
CA VAL A 204 3.35 -0.14 24.12
C VAL A 204 4.62 -0.38 24.92
N GLY A 205 5.72 -0.47 24.21
CA GLY A 205 7.02 -0.93 24.71
C GLY A 205 6.89 -2.27 25.44
N SER A 206 7.49 -2.27 26.61
CA SER A 206 7.61 -3.39 27.55
C SER A 206 6.35 -3.50 28.40
N GLY A 207 5.29 -2.84 27.96
CA GLY A 207 4.02 -2.71 28.68
C GLY A 207 3.09 -3.92 28.57
N THR A 208 2.09 -3.99 29.43
CA THR A 208 1.11 -5.09 29.32
C THR A 208 0.36 -4.99 28.00
N PHE A 209 0.08 -6.20 27.53
CA PHE A 209 -0.71 -6.34 26.31
C PHE A 209 -2.19 -6.14 26.61
N LYS A 210 -2.84 -5.19 25.97
CA LYS A 210 -4.28 -5.03 26.15
C LYS A 210 -5.05 -5.73 25.05
N SER A 211 -5.75 -6.77 25.46
CA SER A 211 -6.69 -7.44 24.53
C SER A 211 -7.87 -6.53 24.22
N THR A 212 -7.88 -6.05 23.00
CA THR A 212 -9.01 -5.29 22.46
C THR A 212 -9.06 -5.41 20.95
N SER A 213 -10.25 -5.62 20.43
CA SER A 213 -10.41 -5.90 19.00
C SER A 213 -10.27 -4.62 18.18
N ILE A 214 -9.26 -4.57 17.33
CA ILE A 214 -9.07 -3.42 16.43
C ILE A 214 -9.30 -3.83 14.98
N ASP A 215 -10.36 -3.32 14.39
CA ASP A 215 -10.71 -3.67 13.01
C ASP A 215 -10.02 -2.72 12.03
N GLY A 216 -9.26 -3.17 11.06
CA GLY A 216 -8.77 -2.17 10.09
C GLY A 216 -8.29 -2.88 8.84
N ILE A 217 -7.66 -2.16 7.93
CA ILE A 217 -7.31 -2.76 6.64
C ILE A 217 -5.80 -2.87 6.47
N ALA A 218 -5.37 -3.98 5.91
CA ALA A 218 -3.97 -4.05 5.45
C ALA A 218 -3.78 -3.23 4.18
N ASP A 219 -2.99 -2.17 4.20
CA ASP A 219 -2.95 -1.23 3.07
C ASP A 219 -1.52 -0.88 2.70
N THR A 220 -0.84 -1.57 1.79
CA THR A 220 0.54 -1.22 1.41
C THR A 220 0.60 0.19 0.84
N GLY A 221 -0.51 0.77 0.44
CA GLY A 221 -0.59 2.09 -0.20
C GLY A 221 -0.74 3.24 0.79
N THR A 222 -0.73 2.96 2.08
CA THR A 222 -0.68 3.99 3.13
C THR A 222 0.64 3.94 3.88
N THR A 223 1.25 5.08 4.12
CA THR A 223 2.58 5.22 4.76
C THR A 223 2.50 4.79 6.21
N LEU A 224 1.52 5.36 6.90
CA LEU A 224 1.55 5.41 8.37
C LEU A 224 0.62 4.33 8.96
N LEU A 225 0.68 4.23 10.27
CA LEU A 225 -0.21 3.40 11.10
C LEU A 225 -1.33 4.24 11.71
N TYR A 226 -2.59 3.98 11.37
CA TYR A 226 -3.78 4.73 11.80
C TYR A 226 -4.62 3.91 12.76
N LEU A 227 -4.68 4.36 14.00
CA LEU A 227 -5.28 3.53 15.05
C LEU A 227 -6.28 4.36 15.87
N PRO A 228 -7.19 3.76 16.64
CA PRO A 228 -8.16 4.62 17.34
C PRO A 228 -7.45 5.58 18.28
N ALA A 229 -8.11 6.68 18.59
CA ALA A 229 -7.59 7.80 19.40
C ALA A 229 -7.14 7.31 20.76
N THR A 230 -7.87 6.48 21.47
CA THR A 230 -7.49 5.79 22.71
C THR A 230 -6.12 5.15 22.59
N VAL A 231 -5.90 4.38 21.55
CA VAL A 231 -4.67 3.56 21.42
C VAL A 231 -3.48 4.46 21.19
N VAL A 232 -3.77 5.42 20.34
CA VAL A 232 -2.74 6.35 19.86
C VAL A 232 -2.33 7.30 20.97
N SER A 233 -3.26 7.75 21.79
CA SER A 233 -2.97 8.50 23.01
C SER A 233 -2.14 7.66 23.97
N ALA A 234 -2.42 6.38 24.20
CA ALA A 234 -1.58 5.59 25.11
C ALA A 234 -0.15 5.48 24.58
N TYR A 235 0.05 5.47 23.27
CA TYR A 235 1.41 5.30 22.75
C TYR A 235 2.26 6.52 23.04
N TRP A 236 1.70 7.69 22.79
CA TRP A 236 2.50 8.92 22.81
C TRP A 236 2.63 9.46 24.23
N ALA A 237 1.75 9.03 25.14
CA ALA A 237 1.92 9.25 26.57
C ALA A 237 3.29 8.75 27.04
N GLN A 238 3.89 7.81 26.33
CA GLN A 238 5.13 7.25 26.86
C GLN A 238 6.35 7.96 26.30
N VAL A 239 6.11 8.93 25.45
CA VAL A 239 7.20 9.71 24.85
C VAL A 239 7.23 11.12 25.39
N SER A 240 8.23 11.47 26.18
CA SER A 240 8.34 12.82 26.75
C SER A 240 8.43 13.86 25.64
N GLY A 241 7.52 14.81 25.74
CA GLY A 241 7.43 15.98 24.84
C GLY A 241 6.41 15.77 23.74
N ALA A 242 5.99 14.53 23.51
CA ALA A 242 5.07 14.30 22.39
C ALA A 242 3.74 15.02 22.65
N LYS A 243 3.17 15.58 21.59
CA LYS A 243 1.89 16.28 21.66
C LYS A 243 1.23 16.32 20.29
N SER A 244 -0.09 16.25 20.38
CA SER A 244 -0.92 16.50 19.20
C SER A 244 -0.93 17.99 18.85
N SER A 245 -0.50 18.28 17.64
CA SER A 245 -0.33 19.63 17.08
C SER A 245 -1.49 19.97 16.16
N SER A 246 -2.13 21.08 16.46
CA SER A 246 -3.18 21.48 15.50
C SER A 246 -2.56 22.06 14.24
N SER A 247 -1.39 22.66 14.36
CA SER A 247 -0.72 23.30 13.21
C SER A 247 -0.24 22.25 12.22
N VAL A 248 0.39 21.19 12.68
CA VAL A 248 0.98 20.22 11.75
C VAL A 248 -0.02 19.11 11.42
N GLY A 249 -0.97 18.89 12.29
CA GLY A 249 -2.07 17.94 12.07
C GLY A 249 -1.74 16.51 12.50
N GLY A 250 -1.28 16.20 13.59
CA GLY A 250 -0.98 14.88 14.14
C GLY A 250 0.04 15.02 15.27
N TYR A 251 0.39 13.88 15.84
CA TYR A 251 1.37 13.84 16.94
C TYR A 251 2.78 14.04 16.38
N VAL A 252 3.50 14.93 17.05
CA VAL A 252 4.91 15.22 16.78
C VAL A 252 5.65 15.04 18.10
N PHE A 253 6.92 14.76 18.02
CA PHE A 253 7.74 14.56 19.23
C PHE A 253 9.13 15.14 19.01
N PRO A 254 9.85 15.63 20.05
CA PRO A 254 11.17 16.17 19.83
C PRO A 254 12.08 15.10 19.25
N CYS A 255 12.77 15.46 18.19
CA CYS A 255 13.62 14.54 17.41
C CYS A 255 14.64 13.78 18.23
N SER A 256 14.99 14.31 19.41
CA SER A 256 16.07 13.69 20.19
C SER A 256 15.50 12.62 21.15
N ALA A 257 14.22 12.34 21.00
CA ALA A 257 13.53 11.39 21.90
C ALA A 257 13.68 9.91 21.47
N THR A 258 13.63 8.98 22.47
CA THR A 258 13.57 7.53 22.11
C THR A 258 12.13 7.04 22.19
N LEU A 259 11.83 6.48 21.03
CA LEU A 259 10.53 5.89 20.64
C LEU A 259 10.40 4.43 21.08
N PRO A 260 9.42 4.12 21.92
CA PRO A 260 9.17 2.76 22.35
C PRO A 260 8.66 1.96 21.19
N SER A 261 8.81 0.65 21.22
CA SER A 261 8.27 -0.18 20.14
C SER A 261 6.73 -0.26 20.29
N PHE A 262 6.08 -0.79 19.29
CA PHE A 262 4.62 -0.95 19.28
C PHE A 262 4.23 -2.36 18.86
N THR A 263 3.51 -3.06 19.71
CA THR A 263 3.15 -4.46 19.45
C THR A 263 1.71 -4.57 18.97
N PHE A 264 1.43 -5.27 17.88
CA PHE A 264 0.00 -5.56 17.74
C PHE A 264 -0.24 -7.06 17.61
N GLY A 265 -1.46 -7.49 17.88
CA GLY A 265 -1.90 -8.88 17.99
C GLY A 265 -2.49 -9.36 16.68
N VAL A 266 -1.95 -10.46 16.17
CA VAL A 266 -2.70 -11.30 15.22
C VAL A 266 -2.88 -12.71 15.77
N GLY A 267 -4.13 -13.01 16.02
CA GLY A 267 -4.61 -14.12 16.86
C GLY A 267 -3.75 -14.13 18.11
N SER A 268 -3.11 -15.24 18.43
CA SER A 268 -2.36 -15.43 19.67
C SER A 268 -0.92 -14.97 19.50
N ALA A 269 -0.63 -14.60 18.26
CA ALA A 269 0.70 -14.07 17.95
C ALA A 269 0.75 -12.56 18.11
N ARG A 270 1.96 -12.03 18.09
CA ARG A 270 2.26 -10.60 18.27
C ARG A 270 3.36 -10.17 17.31
N ILE A 271 3.18 -9.03 16.66
CA ILE A 271 4.15 -8.35 15.80
C ILE A 271 4.73 -7.12 16.47
N VAL A 272 6.03 -7.03 16.67
CA VAL A 272 6.56 -5.81 17.30
C VAL A 272 7.13 -4.86 16.25
N ILE A 273 6.66 -3.64 16.18
CA ILE A 273 7.23 -2.58 15.33
C ILE A 273 8.33 -1.83 16.06
N PRO A 274 9.58 -1.99 15.66
CA PRO A 274 10.61 -1.34 16.49
C PRO A 274 10.42 0.17 16.50
N GLY A 275 10.80 0.84 17.57
CA GLY A 275 10.40 2.24 17.68
C GLY A 275 10.98 3.09 16.55
N ASP A 276 12.06 2.64 15.93
CA ASP A 276 12.78 3.35 14.86
C ASP A 276 11.88 3.50 13.64
N TYR A 277 10.98 2.56 13.45
CA TYR A 277 10.02 2.51 12.34
C TYR A 277 9.02 3.65 12.43
N ILE A 278 8.85 4.15 13.64
CA ILE A 278 7.78 5.08 13.98
C ILE A 278 8.23 6.52 13.87
N ASP A 279 9.52 6.77 13.72
CA ASP A 279 10.16 8.06 13.46
C ASP A 279 10.02 8.46 12.00
N PHE A 280 9.32 9.55 11.77
CA PHE A 280 9.23 10.00 10.37
C PHE A 280 9.88 11.36 10.19
N GLY A 281 10.78 11.70 11.10
CA GLY A 281 11.79 12.74 10.86
C GLY A 281 11.18 14.13 10.97
N PRO A 282 12.02 15.16 10.82
CA PRO A 282 11.66 16.53 11.18
C PRO A 282 10.45 17.00 10.40
N ILE A 283 9.50 17.67 11.05
CA ILE A 283 8.25 18.01 10.35
C ILE A 283 8.55 18.98 9.21
N SER A 284 9.62 19.67 9.32
CA SER A 284 10.14 20.64 8.35
C SER A 284 11.67 20.61 8.38
N THR A 285 12.28 20.89 7.23
CA THR A 285 13.75 20.89 7.15
C THR A 285 14.33 21.89 8.14
N GLY A 286 15.05 21.33 9.10
CA GLY A 286 15.75 22.12 10.13
C GLY A 286 15.08 21.99 11.51
N SER A 287 13.77 21.73 11.50
CA SER A 287 13.01 21.60 12.77
C SER A 287 13.62 20.53 13.67
N SER A 288 13.39 20.76 14.94
CA SER A 288 13.80 19.78 15.94
C SER A 288 12.54 19.03 16.43
N SER A 289 11.48 19.23 15.68
CA SER A 289 10.19 18.53 15.88
C SER A 289 10.09 17.49 14.74
N CYS A 290 9.83 16.26 15.15
CA CYS A 290 9.76 15.11 14.24
C CYS A 290 8.32 14.58 14.15
N PHE A 291 7.98 14.09 12.99
CA PHE A 291 6.62 13.59 12.73
C PHE A 291 6.53 12.10 13.11
N GLY A 292 5.52 11.73 13.90
CA GLY A 292 5.34 10.32 14.38
C GLY A 292 4.67 9.44 13.32
N GLY A 293 4.87 8.12 13.43
CA GLY A 293 4.38 7.14 12.44
C GLY A 293 3.01 6.51 12.82
N ILE A 294 2.62 6.73 14.06
CA ILE A 294 1.31 6.26 14.58
C ILE A 294 0.43 7.48 14.82
N GLN A 295 -0.65 7.54 14.06
CA GLN A 295 -1.57 8.68 14.10
C GLN A 295 -3.02 8.24 14.25
N SER A 296 -3.87 9.19 14.62
CA SER A 296 -5.22 8.83 15.05
C SER A 296 -6.09 8.49 13.85
N SER A 297 -6.96 7.49 13.95
CA SER A 297 -7.84 7.13 12.82
C SER A 297 -9.13 7.94 12.86
N ALA A 298 -9.31 8.76 13.89
CA ALA A 298 -10.63 9.29 14.25
C ALA A 298 -11.25 10.03 13.07
N GLY A 299 -10.42 10.65 12.25
CA GLY A 299 -11.00 11.43 11.15
C GLY A 299 -11.13 10.63 9.86
N ILE A 300 -10.74 9.36 9.83
CA ILE A 300 -10.89 8.49 8.50
C ILE A 300 -12.03 7.76 8.47
N GLY A 301 -12.43 7.24 9.62
CA GLY A 301 -13.54 6.28 9.60
C GLY A 301 -13.03 4.85 9.61
N ILE A 302 -11.76 4.65 9.30
CA ILE A 302 -11.28 3.27 9.33
C ILE A 302 -9.85 3.18 9.83
N ASN A 303 -9.51 2.16 10.61
CA ASN A 303 -8.10 2.01 10.98
C ASN A 303 -7.29 1.42 9.84
N ILE A 304 -6.07 1.90 9.63
CA ILE A 304 -5.23 1.44 8.52
C ILE A 304 -3.92 0.86 9.02
N PHE A 305 -3.67 -0.42 8.88
CA PHE A 305 -2.30 -0.95 8.99
C PHE A 305 -1.53 -0.72 7.69
N GLY A 306 -0.94 0.47 7.60
CA GLY A 306 -0.10 0.94 6.51
C GLY A 306 1.32 0.42 6.68
N ASP A 307 2.21 1.02 5.90
CA ASP A 307 3.57 0.47 5.72
C ASP A 307 4.31 0.42 7.05
N VAL A 308 4.08 1.34 7.98
CA VAL A 308 4.76 1.29 9.29
C VAL A 308 4.54 -0.06 9.96
N ALA A 309 3.40 -0.69 9.82
CA ALA A 309 3.10 -1.96 10.49
C ALA A 309 3.47 -3.13 9.59
N LEU A 310 3.15 -3.02 8.32
CA LEU A 310 3.39 -4.13 7.38
C LEU A 310 4.89 -4.39 7.22
N LYS A 311 5.77 -3.40 7.24
CA LYS A 311 7.19 -3.65 6.97
C LYS A 311 7.87 -4.30 8.16
N ALA A 312 7.19 -4.38 9.30
CA ALA A 312 7.66 -5.14 10.47
C ALA A 312 7.35 -6.62 10.32
N ALA A 313 6.59 -6.99 9.31
CA ALA A 313 6.10 -8.37 9.18
C ALA A 313 6.34 -8.88 7.77
N PHE A 314 6.27 -10.20 7.70
CA PHE A 314 6.08 -10.92 6.43
C PHE A 314 4.60 -11.21 6.20
N VAL A 315 4.05 -10.67 5.14
CA VAL A 315 2.58 -10.63 5.05
C VAL A 315 2.08 -11.38 3.84
N VAL A 316 1.17 -12.30 4.12
CA VAL A 316 0.56 -13.14 3.09
C VAL A 316 -0.86 -12.70 2.81
N PHE A 317 -1.13 -12.35 1.56
CA PHE A 317 -2.54 -12.16 1.18
C PHE A 317 -3.07 -13.36 0.44
N ASN A 318 -3.71 -14.22 1.20
CA ASN A 318 -4.30 -15.47 0.70
C ASN A 318 -5.61 -15.20 -0.03
N GLY A 319 -5.56 -15.14 -1.35
CA GLY A 319 -6.74 -14.80 -2.16
C GLY A 319 -7.56 -16.02 -2.51
N ALA A 320 -7.73 -16.95 -1.59
CA ALA A 320 -8.48 -18.20 -1.80
C ALA A 320 -9.98 -17.92 -1.82
N THR A 321 -10.77 -18.98 -1.95
CA THR A 321 -12.17 -18.56 -2.02
C THR A 321 -12.73 -18.26 -0.65
N THR A 322 -12.12 -18.60 0.48
CA THR A 322 -12.27 -17.77 1.69
C THR A 322 -10.95 -17.12 2.07
N PRO A 323 -10.80 -15.87 1.73
CA PRO A 323 -9.49 -15.21 1.85
C PRO A 323 -9.08 -15.11 3.31
N THR A 324 -7.77 -15.15 3.49
CA THR A 324 -7.15 -14.89 4.79
C THR A 324 -5.90 -14.04 4.64
N LEU A 325 -5.53 -13.50 5.77
CA LEU A 325 -4.34 -12.65 5.96
C LEU A 325 -3.31 -13.36 6.85
N GLY A 326 -2.12 -13.70 6.38
CA GLY A 326 -1.10 -14.24 7.30
C GLY A 326 -0.06 -13.22 7.70
N PHE A 327 0.37 -13.19 8.95
CA PHE A 327 1.54 -12.44 9.41
C PHE A 327 2.62 -13.37 9.92
N ALA A 328 3.88 -13.20 9.55
CA ALA A 328 4.97 -13.76 10.36
C ALA A 328 5.96 -12.69 10.76
N SER A 329 6.75 -12.97 11.78
CA SER A 329 7.98 -12.21 12.05
C SER A 329 9.02 -12.47 10.97
N LYS A 330 9.86 -11.47 10.78
CA LYS A 330 11.06 -11.60 9.94
C LYS A 330 12.27 -10.97 10.61
N PRO B 1 3.48 11.67 3.29
CA PRO B 1 2.79 10.41 3.39
C PRO B 1 1.73 10.27 2.35
N LEU B 2 1.28 9.05 2.20
CA LEU B 2 0.24 8.72 1.24
C LEU B 2 -0.76 7.75 1.86
N GLU B 3 -1.97 7.88 1.37
CA GLU B 3 -3.12 7.09 1.80
C GLU B 3 -3.96 6.73 0.57
N ARG B 5 -8.27 3.90 -1.17
CA ARG B 5 -9.52 4.39 -1.75
C ARG B 5 -10.51 4.59 -0.61
N LEU B 6 -10.19 5.59 0.20
CA LEU B 6 -10.95 5.92 1.42
C LEU B 6 -11.61 7.30 1.34
#